data_3WF9
#
_entry.id   3WF9
#
_cell.length_a   121.546
_cell.length_b   62.331
_cell.length_c   79.923
_cell.angle_alpha   90.00
_cell.angle_beta   128.18
_cell.angle_gamma   90.00
#
_symmetry.space_group_name_H-M   'C 1 2 1'
#
loop_
_entity.id
_entity.type
_entity.pdbx_description
1 polymer 'Ribosomal protein S6 kinase beta-1'
2 non-polymer 'ZINC ION'
3 non-polymer '(2S)-1-oxo-1-[(4-sulfamoylphenyl)amino]propan-2-yl (2S)-2-methyl-1,2,3,4-tetrahydroacridine-9-carboxylate'
4 non-polymer GLYCEROL
5 water water
#
_entity_poly.entity_id   1
_entity_poly.type   'polypeptide(L)'
_entity_poly.pdbx_seq_one_letter_code
;GSFTSSGSVNRGPEKIRPECFELLRVLGKGGYGKVFQVRKVTGANTGKIFAMKVLKKAMIVRNAKDTAHTKAERNILEEV
KHPFIVDLIYAFQTGGKLYLILEYLSGGELFMQLEREGIFMEDTACFYLAEISMALGHLHQKGIIYRDLKPENIMLNHQG
HVKLTDFGLCKESIHDGTVTH(TPO)FCGTIEYMAPEILMRSGHNRAVDWWSLGALMYDMLTGAPPFTGENRKKTIDKIL
KCKLNLPPYLTQEARDLLKKLLKRNAASRLGAGPGDAGEVQAHPFFRHINWEELLARKVEPPFKPLLQSEEDVSQFDSKF
TRQTPVDSPDDST
;
_entity_poly.pdbx_strand_id   A
#
loop_
_chem_comp.id
_chem_comp.type
_chem_comp.name
_chem_comp.formula
FS7 non-polymer '(2S)-1-oxo-1-[(4-sulfamoylphenyl)amino]propan-2-yl (2S)-2-methyl-1,2,3,4-tetrahydroacridine-9-carboxylate' 'C24 H25 N3 O5 S'
GOL non-polymer GLYCEROL 'C3 H8 O3'
ZN non-polymer 'ZINC ION' 'Zn 2'
#
# COMPACT_ATOMS: atom_id res chain seq x y z
N LYS A 15 -16.94 4.28 26.57
CA LYS A 15 -15.67 4.92 26.30
C LYS A 15 -14.53 3.90 26.23
N ILE A 16 -13.94 3.76 25.05
CA ILE A 16 -12.78 2.88 24.88
C ILE A 16 -11.53 3.59 25.38
N ARG A 17 -10.71 2.85 26.13
CA ARG A 17 -9.52 3.37 26.79
C ARG A 17 -8.36 2.40 26.57
N PRO A 18 -7.11 2.90 26.63
CA PRO A 18 -5.94 2.02 26.50
C PRO A 18 -6.02 0.77 27.41
N GLU A 19 -6.48 0.95 28.64
CA GLU A 19 -6.62 -0.15 29.62
C GLU A 19 -7.54 -1.28 29.15
N CYS A 20 -8.33 -1.03 28.11
CA CYS A 20 -9.21 -2.04 27.56
C CYS A 20 -8.43 -3.09 26.75
N PHE A 21 -7.13 -2.88 26.55
CA PHE A 21 -6.34 -3.80 25.74
C PHE A 21 -5.09 -4.28 26.47
N GLU A 22 -4.85 -5.59 26.40
CA GLU A 22 -3.63 -6.18 26.95
C GLU A 22 -2.57 -6.27 25.85
N LEU A 23 -1.32 -5.90 26.16
CA LEU A 23 -0.30 -5.88 25.12
C LEU A 23 0.35 -7.24 25.00
N LEU A 24 0.44 -7.75 23.77
CA LEU A 24 0.97 -9.09 23.50
C LEU A 24 2.36 -9.10 22.86
N ARG A 25 2.66 -8.09 22.03
CA ARG A 25 4.03 -7.91 21.53
C ARG A 25 4.18 -6.58 20.81
N VAL A 26 5.43 -6.19 20.57
CA VAL A 26 5.72 -5.00 19.77
C VAL A 26 5.76 -5.41 18.30
N LEU A 27 4.94 -4.77 17.47
CA LEU A 27 4.89 -5.14 16.06
C LEU A 27 5.84 -4.29 15.25
N GLY A 28 5.99 -3.04 15.68
CA GLY A 28 6.88 -2.12 14.98
C GLY A 28 7.01 -0.79 15.71
N LYS A 29 8.01 -0.01 15.35
CA LYS A 29 8.26 1.24 16.02
C LYS A 29 9.07 2.19 15.12
N GLY A 30 8.97 3.48 15.41
CA GLY A 30 9.64 4.49 14.62
C GLY A 30 9.73 5.78 15.40
N GLY A 31 9.95 6.88 14.70
CA GLY A 31 10.16 8.16 15.37
C GLY A 31 8.94 8.80 16.01
N TYR A 32 7.74 8.32 15.68
CA TYR A 32 6.52 8.96 16.13
C TYR A 32 5.72 8.12 17.12
N GLY A 33 6.10 6.86 17.27
CA GLY A 33 5.36 5.93 18.11
C GLY A 33 5.61 4.48 17.77
N LYS A 34 4.70 3.62 18.23
CA LYS A 34 4.84 2.16 18.19
C LYS A 34 3.54 1.48 17.80
N VAL A 35 3.65 0.28 17.25
CA VAL A 35 2.50 -0.58 17.05
C VAL A 35 2.66 -1.83 17.93
N PHE A 36 1.63 -2.09 18.73
CA PHE A 36 1.53 -3.28 19.60
C PHE A 36 0.50 -4.26 19.07
N GLN A 37 0.72 -5.57 19.25
CA GLN A 37 -0.37 -6.53 19.11
C GLN A 37 -1.13 -6.53 20.45
N VAL A 38 -2.46 -6.48 20.40
CA VAL A 38 -3.26 -6.48 21.62
C VAL A 38 -4.48 -7.38 21.54
N ARG A 39 -5.00 -7.75 22.70
CA ARG A 39 -6.30 -8.39 22.74
C ARG A 39 -7.19 -7.57 23.64
N LYS A 40 -8.49 -7.52 23.30
CA LYS A 40 -9.46 -6.84 24.15
C LYS A 40 -9.72 -7.65 25.44
N VAL A 41 -9.59 -6.96 26.57
CA VAL A 41 -9.63 -7.59 27.89
C VAL A 41 -11.03 -7.91 28.41
N THR A 42 -12.00 -7.05 28.12
CA THR A 42 -13.36 -7.26 28.60
C THR A 42 -14.43 -6.79 27.62
N GLY A 43 -15.66 -7.29 27.82
CA GLY A 43 -16.80 -6.87 27.04
C GLY A 43 -17.04 -7.68 25.79
N ALA A 44 -17.45 -6.99 24.73
CA ALA A 44 -17.67 -7.63 23.43
C ALA A 44 -16.34 -7.95 22.79
N ASN A 45 -16.22 -9.16 22.24
CA ASN A 45 -15.00 -9.62 21.61
C ASN A 45 -13.84 -9.67 22.60
N THR A 46 -14.17 -10.02 23.84
CA THR A 46 -13.16 -10.30 24.84
C THR A 46 -12.18 -11.34 24.31
N GLY A 47 -11.02 -10.89 23.88
CA GLY A 47 -10.03 -11.79 23.33
C GLY A 47 -9.77 -11.58 21.85
N LYS A 48 -10.54 -10.72 21.22
CA LYS A 48 -10.27 -10.41 19.84
C LYS A 48 -8.91 -9.70 19.73
N ILE A 49 -8.14 -10.11 18.72
CA ILE A 49 -6.78 -9.62 18.53
C ILE A 49 -6.79 -8.40 17.61
N PHE A 50 -6.02 -7.37 17.98
CA PHE A 50 -5.91 -6.17 17.18
C PHE A 50 -4.47 -5.71 17.09
N ALA A 51 -4.21 -4.83 16.13
CA ALA A 51 -2.96 -4.07 16.14
C ALA A 51 -3.31 -2.69 16.70
N MET A 52 -2.52 -2.22 17.67
CA MET A 52 -2.77 -0.92 18.27
C MET A 52 -1.63 0.06 17.97
N LYS A 53 -1.91 1.06 17.16
CA LYS A 53 -0.89 2.06 16.86
C LYS A 53 -0.97 3.17 17.88
N VAL A 54 0.16 3.45 18.53
CA VAL A 54 0.21 4.49 19.57
C VAL A 54 1.18 5.61 19.19
N LEU A 55 0.65 6.79 18.91
CA LEU A 55 1.48 7.91 18.49
C LEU A 55 1.66 8.92 19.61
N LYS A 56 2.87 9.48 19.72
CA LYS A 56 3.15 10.48 20.73
C LYS A 56 2.88 11.88 20.20
N LYS A 57 1.83 12.51 20.74
CA LYS A 57 1.39 13.83 20.31
C LYS A 57 2.54 14.84 20.25
N ALA A 58 3.41 14.80 21.26
CA ALA A 58 4.52 15.75 21.34
C ALA A 58 5.48 15.59 20.16
N MET A 59 5.53 14.38 19.60
CA MET A 59 6.36 14.12 18.42
C MET A 59 5.74 14.75 17.19
N ILE A 60 4.45 15.08 17.29
CA ILE A 60 3.66 15.45 16.13
C ILE A 60 3.16 16.91 16.18
N VAL A 61 2.69 17.33 17.35
CA VAL A 61 1.94 18.58 17.46
C VAL A 61 2.76 19.83 17.12
N ARG A 62 4.08 19.76 17.29
CA ARG A 62 4.95 20.89 16.93
C ARG A 62 5.04 21.13 15.42
N ASN A 63 4.72 20.13 14.61
CA ASN A 63 4.84 20.26 13.16
C ASN A 63 3.49 20.23 12.44
N ALA A 64 3.17 21.36 11.83
CA ALA A 64 1.93 21.57 11.08
C ALA A 64 1.72 20.52 10.00
N LYS A 65 2.79 20.09 9.33
CA LYS A 65 2.65 19.06 8.31
C LYS A 65 2.32 17.67 8.90
N ASP A 66 3.10 17.25 9.89
CA ASP A 66 2.90 15.92 10.50
C ASP A 66 1.55 15.82 11.19
N THR A 67 1.11 16.92 11.77
CA THR A 67 -0.21 17.03 12.37
C THR A 67 -1.31 16.82 11.33
N ALA A 68 -1.24 17.55 10.23
CA ALA A 68 -2.22 17.39 9.15
C ALA A 68 -2.19 15.97 8.64
N HIS A 69 -0.98 15.45 8.42
CA HIS A 69 -0.79 14.08 7.95
C HIS A 69 -1.49 13.06 8.88
N THR A 70 -1.31 13.26 10.19
CA THR A 70 -1.91 12.41 11.21
C THR A 70 -3.43 12.39 11.10
N LYS A 71 -4.01 13.57 11.00
CA LYS A 71 -5.45 13.74 10.89
C LYS A 71 -5.96 13.08 9.63
N ALA A 72 -5.22 13.26 8.55
CA ALA A 72 -5.56 12.69 7.26
C ALA A 72 -5.66 11.16 7.35
N GLU A 73 -4.68 10.54 8.02
CA GLU A 73 -4.70 9.09 8.20
C GLU A 73 -6.00 8.62 8.80
N ARG A 74 -6.38 9.24 9.91
CA ARG A 74 -7.55 8.83 10.67
C ARG A 74 -8.83 9.08 9.89
N ASN A 75 -8.92 10.25 9.26
CA ASN A 75 -10.07 10.55 8.42
C ASN A 75 -10.22 9.57 7.25
N ILE A 76 -9.12 9.27 6.57
CA ILE A 76 -9.16 8.26 5.51
C ILE A 76 -9.61 6.90 6.06
N LEU A 77 -8.89 6.36 7.04
CA LEU A 77 -9.19 5.05 7.60
C LEU A 77 -10.58 4.98 8.25
N GLU A 78 -11.09 6.11 8.71
CA GLU A 78 -12.44 6.16 9.24
C GLU A 78 -13.45 6.08 8.11
N GLU A 79 -13.17 6.71 6.98
CA GLU A 79 -14.16 6.78 5.92
C GLU A 79 -14.15 5.52 5.03
N VAL A 80 -12.98 4.89 4.91
CA VAL A 80 -12.80 3.70 4.08
C VAL A 80 -13.56 2.46 4.59
N LYS A 81 -14.33 1.81 3.72
CA LYS A 81 -15.04 0.56 4.02
C LYS A 81 -14.79 -0.47 2.91
N HIS A 82 -13.70 -1.20 3.02
CA HIS A 82 -13.25 -1.97 1.88
C HIS A 82 -12.41 -3.16 2.29
N PRO A 83 -12.64 -4.31 1.68
CA PRO A 83 -11.93 -5.51 2.16
C PRO A 83 -10.41 -5.42 1.94
N PHE A 84 -9.97 -4.67 0.95
CA PHE A 84 -8.55 -4.72 0.60
C PHE A 84 -7.77 -3.51 1.14
N ILE A 85 -8.34 -2.89 2.16
CA ILE A 85 -7.70 -1.78 2.85
C ILE A 85 -7.84 -1.98 4.35
N VAL A 86 -6.78 -1.74 5.11
CA VAL A 86 -6.73 -2.07 6.54
C VAL A 86 -7.87 -1.39 7.29
N ASP A 87 -8.55 -2.15 8.15
CA ASP A 87 -9.72 -1.64 8.84
C ASP A 87 -9.35 -0.91 10.13
N LEU A 88 -10.03 0.21 10.38
CA LEU A 88 -9.90 0.97 11.63
C LEU A 88 -11.11 0.70 12.49
N ILE A 89 -10.89 0.09 13.65
CA ILE A 89 -11.96 -0.35 14.52
C ILE A 89 -12.34 0.75 15.50
N TYR A 90 -11.38 1.18 16.31
CA TYR A 90 -11.58 2.30 17.22
C TYR A 90 -10.45 3.32 17.07
N ALA A 91 -10.73 4.55 17.50
CA ALA A 91 -9.72 5.61 17.55
C ALA A 91 -10.04 6.53 18.71
N PHE A 92 -9.05 6.77 19.56
CA PHE A 92 -9.25 7.58 20.75
C PHE A 92 -7.91 8.19 21.15
N GLN A 93 -7.95 9.11 22.10
CA GLN A 93 -6.72 9.80 22.50
C GLN A 93 -6.66 10.01 24.00
N THR A 94 -5.45 10.20 24.50
CA THR A 94 -5.22 10.63 25.88
C THR A 94 -4.59 12.02 25.86
N GLY A 95 -4.09 12.48 27.00
CA GLY A 95 -3.46 13.79 27.08
C GLY A 95 -2.24 13.85 26.18
N GLY A 96 -1.50 12.76 26.10
CA GLY A 96 -0.26 12.73 25.36
C GLY A 96 -0.17 11.76 24.19
N LYS A 97 -1.19 10.94 23.97
CA LYS A 97 -1.07 9.92 22.92
C LYS A 97 -2.31 9.81 22.05
N LEU A 98 -2.11 9.45 20.78
CA LEU A 98 -3.20 9.11 19.88
C LEU A 98 -3.19 7.61 19.65
N TYR A 99 -4.38 7.01 19.75
CA TYR A 99 -4.54 5.56 19.58
C TYR A 99 -5.39 5.23 18.36
N LEU A 100 -4.93 4.24 17.61
CA LEU A 100 -5.65 3.69 16.48
C LEU A 100 -5.69 2.19 16.67
N ILE A 101 -6.87 1.64 16.91
CA ILE A 101 -7.03 0.19 16.95
C ILE A 101 -7.41 -0.32 15.56
N LEU A 102 -6.50 -1.10 14.98
CA LEU A 102 -6.62 -1.54 13.60
C LEU A 102 -6.79 -3.03 13.57
N GLU A 103 -7.24 -3.59 12.46
CA GLU A 103 -7.25 -5.03 12.37
C GLU A 103 -5.80 -5.53 12.33
N TYR A 104 -5.57 -6.71 12.89
CA TYR A 104 -4.25 -7.32 12.93
C TYR A 104 -4.03 -8.14 11.67
N LEU A 105 -2.95 -7.90 10.96
CA LEU A 105 -2.71 -8.56 9.67
C LEU A 105 -1.65 -9.66 9.75
N SER A 106 -2.11 -10.89 9.95
CA SER A 106 -1.24 -12.01 10.25
C SER A 106 -0.51 -12.58 9.03
N GLY A 107 -0.99 -12.24 7.84
CA GLY A 107 -0.45 -12.83 6.64
C GLY A 107 0.87 -12.23 6.23
N GLY A 108 1.38 -11.31 7.04
CA GLY A 108 2.65 -10.64 6.76
C GLY A 108 2.64 -9.78 5.51
N GLU A 109 3.84 -9.38 5.06
CA GLU A 109 4.01 -8.51 3.89
C GLU A 109 4.01 -9.29 2.56
N LEU A 110 3.45 -8.68 1.53
CA LEU A 110 3.60 -9.20 0.17
C LEU A 110 5.07 -9.19 -0.23
N PHE A 111 5.84 -8.27 0.37
CA PHE A 111 7.29 -8.21 0.21
C PHE A 111 7.94 -9.54 0.58
N MET A 112 7.46 -10.13 1.66
CA MET A 112 7.99 -11.40 2.16
C MET A 112 7.57 -12.54 1.23
N GLN A 113 6.58 -12.29 0.38
CA GLN A 113 6.13 -13.29 -0.58
C GLN A 113 6.97 -13.27 -1.87
N LEU A 114 7.30 -12.07 -2.32
CA LEU A 114 8.16 -11.86 -3.48
C LEU A 114 9.59 -12.33 -3.24
N GLU A 115 10.04 -12.23 -1.98
CA GLU A 115 11.35 -12.71 -1.58
C GLU A 115 11.46 -14.22 -1.72
N ARG A 116 10.43 -14.93 -1.26
CA ARG A 116 10.45 -16.38 -1.31
C ARG A 116 10.33 -16.87 -2.75
N GLU A 117 9.28 -16.43 -3.42
CA GLU A 117 8.99 -16.84 -4.80
C GLU A 117 10.05 -16.42 -5.82
N GLY A 118 10.66 -15.26 -5.59
CA GLY A 118 11.47 -14.60 -6.60
C GLY A 118 10.54 -13.97 -7.63
N ILE A 119 9.99 -14.82 -8.49
CA ILE A 119 9.03 -14.39 -9.51
C ILE A 119 7.66 -15.05 -9.27
N PHE A 120 6.60 -14.27 -9.31
CA PHE A 120 5.24 -14.82 -9.22
C PHE A 120 4.89 -15.44 -10.55
N MET A 121 4.17 -16.57 -10.51
CA MET A 121 3.48 -17.03 -11.70
C MET A 121 2.48 -15.96 -12.09
N GLU A 122 2.20 -15.86 -13.38
CA GLU A 122 1.26 -14.89 -13.92
C GLU A 122 -0.05 -14.84 -13.13
N ASP A 123 -0.66 -16.00 -12.90
CA ASP A 123 -1.97 -16.10 -12.24
C ASP A 123 -1.95 -15.60 -10.81
N THR A 124 -0.81 -15.81 -10.14
CA THR A 124 -0.58 -15.30 -8.79
C THR A 124 -0.43 -13.77 -8.79
N ALA A 125 0.37 -13.24 -9.71
CA ALA A 125 0.53 -11.80 -9.82
C ALA A 125 -0.82 -11.17 -10.16
N CYS A 126 -1.46 -11.74 -11.15
CA CYS A 126 -2.79 -11.29 -11.57
C CYS A 126 -3.80 -11.18 -10.42
N PHE A 127 -3.82 -12.18 -9.53
CA PHE A 127 -4.70 -12.13 -8.37
C PHE A 127 -4.48 -10.90 -7.49
N TYR A 128 -3.23 -10.68 -7.08
CA TYR A 128 -2.85 -9.59 -6.19
C TYR A 128 -3.04 -8.22 -6.84
N LEU A 129 -2.61 -8.11 -8.09
CA LEU A 129 -2.76 -6.86 -8.84
C LEU A 129 -4.24 -6.53 -8.96
N ALA A 130 -5.07 -7.55 -9.20
CA ALA A 130 -6.52 -7.35 -9.30
C ALA A 130 -7.10 -6.80 -7.98
N GLU A 131 -6.80 -7.46 -6.86
CA GLU A 131 -7.32 -6.98 -5.57
C GLU A 131 -6.83 -5.55 -5.27
N ILE A 132 -5.55 -5.29 -5.49
CA ILE A 132 -4.99 -3.94 -5.28
C ILE A 132 -5.73 -2.89 -6.12
N SER A 133 -6.00 -3.22 -7.39
CA SER A 133 -6.71 -2.30 -8.25
C SER A 133 -8.07 -1.89 -7.70
N MET A 134 -8.79 -2.82 -7.07
CA MET A 134 -10.07 -2.50 -6.45
C MET A 134 -9.90 -1.57 -5.24
N ALA A 135 -8.84 -1.77 -4.46
CA ALA A 135 -8.49 -0.86 -3.37
C ALA A 135 -8.26 0.53 -3.91
N LEU A 136 -7.38 0.63 -4.90
CA LEU A 136 -7.06 1.90 -5.55
C LEU A 136 -8.31 2.60 -6.11
N GLY A 137 -9.16 1.86 -6.82
CA GLY A 137 -10.42 2.41 -7.30
C GLY A 137 -11.28 2.96 -6.18
N HIS A 138 -11.28 2.27 -5.06
CA HIS A 138 -12.06 2.71 -3.91
C HIS A 138 -11.54 4.06 -3.40
N LEU A 139 -10.23 4.15 -3.26
CA LEU A 139 -9.60 5.36 -2.75
C LEU A 139 -9.78 6.52 -3.72
N HIS A 140 -9.61 6.25 -5.02
CA HIS A 140 -9.61 7.31 -5.99
C HIS A 140 -11.00 7.94 -6.13
N GLN A 141 -12.05 7.13 -6.05
CA GLN A 141 -13.38 7.72 -6.20
C GLN A 141 -13.69 8.59 -4.97
N LYS A 142 -12.91 8.39 -3.91
CA LYS A 142 -12.99 9.21 -2.69
C LYS A 142 -12.00 10.38 -2.76
N GLY A 143 -11.27 10.48 -3.87
CA GLY A 143 -10.33 11.57 -4.07
C GLY A 143 -9.02 11.38 -3.33
N ILE A 144 -8.79 10.17 -2.84
CA ILE A 144 -7.58 9.85 -2.12
C ILE A 144 -6.57 9.21 -3.08
N ILE A 145 -5.32 9.66 -2.97
CA ILE A 145 -4.22 9.20 -3.80
C ILE A 145 -3.24 8.41 -2.97
N TYR A 146 -2.93 7.17 -3.37
CA TYR A 146 -2.12 6.33 -2.50
C TYR A 146 -0.64 6.70 -2.50
N ARG A 147 -0.04 6.76 -3.69
CA ARG A 147 1.36 7.16 -3.91
C ARG A 147 2.38 6.11 -3.48
N ASP A 148 2.13 5.49 -2.33
CA ASP A 148 3.13 4.68 -1.64
C ASP A 148 2.98 3.18 -1.92
N LEU A 149 2.37 2.84 -3.03
CA LEU A 149 2.22 1.44 -3.41
C LEU A 149 3.58 0.81 -3.61
N LYS A 150 3.87 -0.22 -2.82
CA LYS A 150 5.16 -0.91 -2.86
C LYS A 150 5.04 -2.16 -1.98
N PRO A 151 5.86 -3.20 -2.24
CA PRO A 151 5.62 -4.49 -1.56
C PRO A 151 5.53 -4.44 -0.02
N GLU A 152 6.35 -3.63 0.64
CA GLU A 152 6.34 -3.49 2.10
C GLU A 152 5.05 -2.92 2.63
N ASN A 153 4.31 -2.23 1.76
CA ASN A 153 3.08 -1.56 2.13
C ASN A 153 1.88 -2.45 1.91
N ILE A 154 2.07 -3.56 1.20
CA ILE A 154 0.96 -4.45 0.93
C ILE A 154 1.05 -5.67 1.86
N MET A 155 0.17 -5.69 2.85
CA MET A 155 0.10 -6.82 3.77
C MET A 155 -0.98 -7.77 3.32
N LEU A 156 -1.01 -8.95 3.95
CA LEU A 156 -2.01 -9.98 3.74
C LEU A 156 -2.74 -10.31 5.05
N ASN A 157 -4.05 -10.54 4.98
CA ASN A 157 -4.80 -10.98 6.16
C ASN A 157 -4.62 -12.49 6.35
N HIS A 158 -5.24 -13.05 7.38
CA HIS A 158 -5.01 -14.45 7.71
C HIS A 158 -5.38 -15.41 6.58
N GLN A 159 -6.38 -15.04 5.76
CA GLN A 159 -6.81 -15.86 4.62
C GLN A 159 -5.83 -15.73 3.45
N GLY A 160 -5.15 -14.58 3.38
CA GLY A 160 -4.21 -14.32 2.30
C GLY A 160 -4.65 -13.27 1.29
N HIS A 161 -5.62 -12.41 1.64
CA HIS A 161 -6.03 -11.31 0.74
C HIS A 161 -5.21 -10.05 1.03
N VAL A 162 -5.18 -9.16 0.05
CA VAL A 162 -4.43 -7.91 0.13
C VAL A 162 -5.03 -6.93 1.13
N LYS A 163 -4.18 -6.23 1.90
CA LYS A 163 -4.60 -5.02 2.61
C LYS A 163 -3.57 -3.91 2.42
N LEU A 164 -3.99 -2.80 1.80
CA LEU A 164 -3.15 -1.60 1.75
C LEU A 164 -3.06 -0.97 3.14
N THR A 165 -1.85 -0.56 3.51
CA THR A 165 -1.54 0.08 4.79
C THR A 165 -0.75 1.37 4.54
N ASP A 166 -0.26 2.00 5.60
CA ASP A 166 0.63 3.17 5.51
C ASP A 166 -0.03 4.39 4.83
N PHE A 167 -1.03 4.93 5.51
CA PHE A 167 -1.66 6.18 5.10
C PHE A 167 -1.21 7.31 6.00
N GLY A 168 -0.32 7.00 6.93
CA GLY A 168 0.04 7.97 7.95
C GLY A 168 1.49 8.36 7.97
N LEU A 169 1.98 8.68 9.17
CA LEU A 169 3.33 9.20 9.38
C LEU A 169 4.42 8.18 9.02
N CYS A 170 5.62 8.69 8.76
CA CYS A 170 6.71 7.90 8.21
C CYS A 170 7.12 6.74 9.12
N LYS A 171 7.27 5.58 8.50
CA LYS A 171 7.56 4.34 9.21
C LYS A 171 9.04 4.01 9.17
N GLU A 172 9.82 4.85 8.50
CA GLU A 172 11.23 4.54 8.28
C GLU A 172 12.07 4.88 9.49
N SER A 173 13.24 4.26 9.59
CA SER A 173 14.18 4.57 10.66
C SER A 173 15.23 5.55 10.15
N ILE A 174 15.50 5.51 8.85
CA ILE A 174 16.41 6.47 8.23
C ILE A 174 15.65 7.39 7.30
N HIS A 175 15.75 8.69 7.53
CA HIS A 175 14.97 9.66 6.77
C HIS A 175 15.78 10.39 5.73
N ASP A 176 15.12 10.67 4.61
CA ASP A 176 15.75 11.39 3.52
C ASP A 176 15.55 12.88 3.67
N GLY A 177 16.62 13.60 3.96
CA GLY A 177 16.53 15.04 4.15
C GLY A 177 15.94 15.41 5.51
N THR A 178 15.60 16.68 5.68
CA THR A 178 15.13 17.20 6.96
C THR A 178 13.86 17.99 6.80
N VAL A 179 13.24 17.90 5.63
CA VAL A 179 12.06 18.70 5.35
C VAL A 179 10.81 17.87 5.15
N THR A 180 10.95 16.77 4.42
CA THR A 180 9.80 15.94 4.11
C THR A 180 10.07 14.45 4.30
N HIS A 181 8.99 13.67 4.30
CA HIS A 181 9.05 12.22 4.45
C HIS A 181 8.49 11.52 3.22
N TPO A 182 8.22 12.31 2.20
CA TPO A 182 7.69 11.80 0.94
CB TPO A 182 7.42 12.96 0.01
CG2 TPO A 182 7.25 12.52 -1.45
OG1 TPO A 182 6.20 13.50 0.54
P TPO A 182 5.91 15.00 0.07
O1P TPO A 182 5.32 15.01 -1.29
O2P TPO A 182 4.83 15.61 1.08
O3P TPO A 182 7.28 15.85 0.06
C TPO A 182 8.56 10.73 0.26
O TPO A 182 8.07 9.79 -0.36
N PHE A 183 9.87 10.83 0.46
CA PHE A 183 10.80 9.97 -0.26
C PHE A 183 11.61 9.03 0.66
N CYS A 184 11.23 8.90 1.93
CA CYS A 184 12.03 8.09 2.87
C CYS A 184 12.08 6.60 2.54
N GLY A 185 11.08 6.07 1.84
CA GLY A 185 11.13 4.65 1.52
C GLY A 185 12.03 4.37 0.33
N THR A 186 11.98 3.15 -0.16
CA THR A 186 12.45 2.91 -1.52
C THR A 186 11.62 3.80 -2.42
N ILE A 187 12.24 4.38 -3.44
CA ILE A 187 11.49 5.17 -4.42
C ILE A 187 11.35 4.44 -5.75
N GLU A 188 11.60 3.13 -5.75
CA GLU A 188 11.56 2.32 -6.97
C GLU A 188 10.16 2.23 -7.62
N TYR A 189 9.11 2.40 -6.83
CA TYR A 189 7.76 2.21 -7.35
C TYR A 189 7.05 3.54 -7.55
N MET A 190 7.78 4.63 -7.30
CA MET A 190 7.19 5.97 -7.36
C MET A 190 7.22 6.55 -8.76
N ALA A 191 6.12 7.19 -9.10
CA ALA A 191 5.95 7.77 -10.42
C ALA A 191 6.94 8.94 -10.65
N PRO A 192 7.47 9.06 -11.87
CA PRO A 192 8.45 10.09 -12.23
C PRO A 192 7.97 11.51 -11.94
N GLU A 193 6.68 11.81 -12.14
CA GLU A 193 6.20 13.17 -11.92
C GLU A 193 6.30 13.59 -10.46
N ILE A 194 6.34 12.62 -9.55
CA ILE A 194 6.49 12.93 -8.13
C ILE A 194 7.96 13.30 -7.84
N LEU A 195 8.87 12.45 -8.32
CA LEU A 195 10.30 12.73 -8.24
C LEU A 195 10.69 13.99 -9.02
N MET A 196 9.86 14.38 -9.99
CA MET A 196 10.09 15.60 -10.80
C MET A 196 9.53 16.84 -10.10
N ARG A 197 8.65 16.61 -9.13
CA ARG A 197 7.81 17.66 -8.54
C ARG A 197 7.14 18.50 -9.61
N SER A 198 6.54 17.86 -10.60
CA SER A 198 5.90 18.59 -11.66
C SER A 198 4.37 18.53 -11.54
N GLY A 199 3.89 18.17 -10.36
CA GLY A 199 2.46 18.07 -10.14
C GLY A 199 1.96 16.71 -10.57
N HIS A 200 1.02 16.17 -9.80
CA HIS A 200 0.59 14.82 -10.01
C HIS A 200 -0.82 14.61 -9.49
N ASN A 201 -1.41 13.50 -9.92
CA ASN A 201 -2.76 13.14 -9.52
C ASN A 201 -2.83 11.63 -9.33
N ARG A 202 -4.02 11.07 -9.48
CA ARG A 202 -4.24 9.65 -9.21
C ARG A 202 -3.50 8.74 -10.19
N ALA A 203 -3.01 9.29 -11.29
CA ALA A 203 -2.30 8.50 -12.30
C ALA A 203 -1.00 7.90 -11.74
N VAL A 204 -0.51 8.46 -10.64
CA VAL A 204 0.72 7.94 -10.05
C VAL A 204 0.51 6.54 -9.49
N ASP A 205 -0.70 6.24 -9.03
CA ASP A 205 -1.00 4.92 -8.49
C ASP A 205 -0.99 3.85 -9.57
N TRP A 206 -1.43 4.20 -10.77
CA TRP A 206 -1.39 3.25 -11.87
C TRP A 206 0.02 3.04 -12.38
N TRP A 207 0.86 4.10 -12.39
CA TRP A 207 2.28 3.88 -12.64
C TRP A 207 2.84 2.90 -11.61
N SER A 208 2.61 3.20 -10.33
CA SER A 208 3.09 2.33 -9.27
C SER A 208 2.62 0.89 -9.41
N LEU A 209 1.36 0.70 -9.80
CA LEU A 209 0.83 -0.65 -10.02
C LEU A 209 1.67 -1.40 -11.05
N GLY A 210 2.08 -0.69 -12.10
CA GLY A 210 2.94 -1.25 -13.13
C GLY A 210 4.31 -1.65 -12.65
N ALA A 211 4.96 -0.78 -11.88
CA ALA A 211 6.28 -1.06 -11.32
C ALA A 211 6.21 -2.30 -10.44
N LEU A 212 5.12 -2.41 -9.69
CA LEU A 212 4.88 -3.53 -8.79
C LEU A 212 4.65 -4.82 -9.59
N MET A 213 3.88 -4.70 -10.67
CA MET A 213 3.60 -5.80 -11.56
C MET A 213 4.86 -6.33 -12.22
N TYR A 214 5.67 -5.40 -12.72
CA TYR A 214 6.97 -5.70 -13.27
C TYR A 214 7.86 -6.43 -12.26
N ASP A 215 7.85 -5.94 -11.03
CA ASP A 215 8.64 -6.55 -9.96
C ASP A 215 8.19 -8.01 -9.74
N MET A 216 6.88 -8.23 -9.65
CA MET A 216 6.31 -9.56 -9.45
C MET A 216 6.75 -10.54 -10.51
N LEU A 217 6.70 -10.11 -11.77
CA LEU A 217 6.90 -11.01 -12.90
C LEU A 217 8.35 -11.08 -13.40
N THR A 218 9.21 -10.15 -13.01
CA THR A 218 10.60 -10.21 -13.46
C THR A 218 11.59 -10.48 -12.35
N GLY A 219 11.22 -10.16 -11.12
CA GLY A 219 12.14 -10.34 -10.00
C GLY A 219 12.75 -9.06 -9.43
N ALA A 220 12.55 -7.94 -10.11
CA ALA A 220 13.06 -6.65 -9.65
C ALA A 220 12.25 -5.52 -10.28
N PRO A 221 12.13 -4.36 -9.61
CA PRO A 221 11.39 -3.23 -10.19
C PRO A 221 12.00 -2.80 -11.52
N PRO A 222 11.24 -2.10 -12.37
CA PRO A 222 11.72 -1.84 -13.74
C PRO A 222 12.94 -0.92 -13.86
N PHE A 223 13.16 -0.03 -12.89
CA PHE A 223 14.23 0.95 -13.02
C PHE A 223 15.08 1.02 -11.77
N THR A 224 15.87 -0.01 -11.53
CA THR A 224 16.75 -0.04 -10.38
C THR A 224 18.19 0.07 -10.83
N GLY A 225 18.99 0.83 -10.08
CA GLY A 225 20.40 1.03 -10.39
C GLY A 225 21.28 0.62 -9.23
N GLU A 226 22.57 0.91 -9.33
CA GLU A 226 23.53 0.52 -8.28
C GLU A 226 23.22 1.24 -6.97
N ASN A 227 22.82 2.51 -7.08
CA ASN A 227 22.45 3.27 -5.91
C ASN A 227 21.18 4.09 -6.15
N ARG A 228 20.87 4.97 -5.21
CA ARG A 228 19.59 5.67 -5.23
C ARG A 228 19.55 6.70 -6.38
N LYS A 229 20.61 7.49 -6.52
CA LYS A 229 20.68 8.51 -7.56
C LYS A 229 20.54 7.87 -8.94
N LYS A 230 21.25 6.75 -9.16
CA LYS A 230 21.16 6.03 -10.43
C LYS A 230 19.75 5.53 -10.69
N THR A 231 19.08 5.07 -9.63
CA THR A 231 17.70 4.61 -9.71
C THR A 231 16.75 5.74 -10.12
N ILE A 232 16.81 6.85 -9.39
CA ILE A 232 16.02 8.04 -9.74
C ILE A 232 16.24 8.46 -11.20
N ASP A 233 17.50 8.47 -11.64
CA ASP A 233 17.83 8.84 -13.01
C ASP A 233 17.13 7.91 -14.01
N LYS A 234 17.11 6.62 -13.67
CA LYS A 234 16.47 5.62 -14.52
C LYS A 234 14.96 5.81 -14.57
N ILE A 235 14.34 6.04 -13.43
CA ILE A 235 12.89 6.26 -13.39
C ILE A 235 12.51 7.46 -14.23
N LEU A 236 13.26 8.55 -14.06
CA LEU A 236 13.03 9.77 -14.81
C LEU A 236 13.19 9.59 -16.32
N LYS A 237 14.19 8.79 -16.71
CA LYS A 237 14.49 8.57 -18.13
C LYS A 237 13.45 7.67 -18.71
N CYS A 238 12.98 6.73 -17.90
CA CYS A 238 11.79 5.97 -18.21
C CYS A 238 11.94 5.23 -19.54
N LYS A 239 13.08 4.54 -19.73
CA LYS A 239 13.27 3.74 -20.95
C LYS A 239 13.02 2.24 -20.71
N LEU A 240 11.76 1.83 -20.86
CA LEU A 240 11.28 0.52 -20.44
C LEU A 240 11.72 -0.62 -21.36
N ASN A 241 12.43 -1.59 -20.77
CA ASN A 241 12.73 -2.82 -21.46
C ASN A 241 11.91 -3.97 -20.91
N LEU A 242 10.98 -4.47 -21.71
CA LEU A 242 10.16 -5.60 -21.32
C LEU A 242 10.79 -6.92 -21.78
N PRO A 243 11.18 -7.76 -20.81
CA PRO A 243 11.77 -9.08 -21.12
C PRO A 243 10.83 -10.00 -21.92
N PRO A 244 11.40 -10.78 -22.85
CA PRO A 244 10.65 -11.54 -23.85
C PRO A 244 9.77 -12.64 -23.27
N TYR A 245 10.00 -13.04 -22.01
CA TYR A 245 9.24 -14.14 -21.42
C TYR A 245 7.90 -13.70 -20.82
N LEU A 246 7.61 -12.40 -20.83
CA LEU A 246 6.32 -11.93 -20.35
C LEU A 246 5.24 -12.30 -21.35
N THR A 247 4.07 -12.71 -20.85
CA THR A 247 2.93 -12.99 -21.73
C THR A 247 2.60 -11.74 -22.54
N GLN A 248 2.00 -11.95 -23.72
CA GLN A 248 1.47 -10.86 -24.52
C GLN A 248 0.59 -9.91 -23.69
N GLU A 249 -0.20 -10.46 -22.77
CA GLU A 249 -1.13 -9.65 -21.98
C GLU A 249 -0.39 -8.81 -20.95
N ALA A 250 0.64 -9.39 -20.33
CA ALA A 250 1.38 -8.67 -19.31
C ALA A 250 2.22 -7.56 -19.98
N ARG A 251 2.91 -7.90 -21.06
CA ARG A 251 3.66 -6.93 -21.85
C ARG A 251 2.79 -5.74 -22.20
N ASP A 252 1.61 -6.00 -22.78
CA ASP A 252 0.70 -4.95 -23.19
C ASP A 252 0.23 -4.09 -22.02
N LEU A 253 -0.06 -4.71 -20.88
CA LEU A 253 -0.47 -3.93 -19.71
C LEU A 253 0.71 -3.13 -19.16
N LEU A 254 1.90 -3.72 -19.20
CA LEU A 254 3.04 -3.06 -18.61
C LEU A 254 3.39 -1.80 -19.39
N LYS A 255 3.39 -1.90 -20.72
CA LYS A 255 3.59 -0.75 -21.61
C LYS A 255 2.63 0.39 -21.29
N LYS A 256 1.36 0.03 -21.04
CA LYS A 256 0.33 1.04 -20.87
C LYS A 256 0.28 1.63 -19.46
N LEU A 257 0.84 0.91 -18.48
CA LEU A 257 0.94 1.42 -17.11
C LEU A 257 2.20 2.26 -16.92
N LEU A 258 3.31 1.80 -17.48
CA LEU A 258 4.60 2.46 -17.23
C LEU A 258 4.92 3.54 -18.26
N LYS A 259 3.95 4.41 -18.54
CA LYS A 259 4.17 5.55 -19.43
C LYS A 259 4.57 6.81 -18.65
N ARG A 260 5.61 7.50 -19.13
CA ARG A 260 6.10 8.68 -18.42
C ARG A 260 5.07 9.81 -18.45
N ASN A 261 4.40 9.99 -19.59
CA ASN A 261 3.29 10.96 -19.68
C ASN A 261 2.03 10.44 -18.97
N ALA A 262 1.83 10.96 -17.75
CA ALA A 262 0.78 10.55 -16.83
C ALA A 262 -0.57 10.38 -17.51
N ALA A 263 -0.95 11.35 -18.33
CA ALA A 263 -2.27 11.35 -18.94
C ALA A 263 -2.42 10.23 -19.96
N SER A 264 -1.31 9.58 -20.33
CA SER A 264 -1.38 8.52 -21.32
C SER A 264 -1.49 7.13 -20.70
N ARG A 265 -1.37 7.06 -19.38
CA ARG A 265 -1.45 5.77 -18.68
C ARG A 265 -2.85 5.23 -18.70
N LEU A 266 -2.95 3.92 -18.80
CA LEU A 266 -4.20 3.22 -18.55
C LEU A 266 -4.62 3.49 -17.10
N GLY A 267 -5.87 3.91 -16.90
CA GLY A 267 -6.30 4.29 -15.57
C GLY A 267 -6.26 5.78 -15.37
N ALA A 268 -5.49 6.49 -16.18
CA ALA A 268 -5.41 7.94 -16.06
C ALA A 268 -6.65 8.57 -16.62
N GLY A 269 -7.37 7.83 -17.47
CA GLY A 269 -8.61 8.31 -18.01
C GLY A 269 -9.70 8.54 -16.97
N PRO A 270 -10.87 9.03 -17.43
CA PRO A 270 -12.03 9.23 -16.57
C PRO A 270 -12.50 7.92 -15.93
N GLY A 271 -12.21 6.81 -16.62
CA GLY A 271 -12.62 5.49 -16.17
C GLY A 271 -11.83 4.95 -15.00
N ASP A 272 -10.63 5.48 -14.79
CA ASP A 272 -9.77 5.09 -13.64
C ASP A 272 -9.60 3.55 -13.55
N ALA A 273 -9.91 2.99 -12.39
CA ALA A 273 -9.70 1.56 -12.15
C ALA A 273 -10.47 0.67 -13.15
N GLY A 274 -11.68 1.09 -13.55
CA GLY A 274 -12.44 0.35 -14.55
C GLY A 274 -11.70 0.16 -15.86
N GLU A 275 -10.92 1.15 -16.26
CA GLU A 275 -10.12 1.06 -17.49
C GLU A 275 -9.02 0.01 -17.35
N VAL A 276 -8.41 -0.07 -16.18
CA VAL A 276 -7.37 -1.04 -15.94
C VAL A 276 -7.97 -2.45 -15.81
N GLN A 277 -9.06 -2.54 -15.07
CA GLN A 277 -9.68 -3.84 -14.82
C GLN A 277 -10.22 -4.48 -16.10
N ALA A 278 -10.53 -3.66 -17.10
CA ALA A 278 -11.06 -4.13 -18.38
C ALA A 278 -9.96 -4.73 -19.28
N HIS A 279 -8.69 -4.56 -18.90
CA HIS A 279 -7.57 -5.08 -19.70
C HIS A 279 -7.52 -6.61 -19.70
N PRO A 280 -7.22 -7.19 -20.87
CA PRO A 280 -7.11 -8.65 -21.09
C PRO A 280 -6.24 -9.37 -20.06
N PHE A 281 -5.23 -8.70 -19.49
CA PHE A 281 -4.43 -9.32 -18.43
C PHE A 281 -5.31 -9.84 -17.29
N PHE A 282 -6.46 -9.20 -17.08
CA PHE A 282 -7.40 -9.61 -16.04
C PHE A 282 -8.63 -10.36 -16.59
N ARG A 283 -8.51 -11.00 -17.74
CA ARG A 283 -9.68 -11.57 -18.43
C ARG A 283 -10.37 -12.64 -17.60
N HIS A 284 -9.63 -13.28 -16.72
CA HIS A 284 -10.15 -14.41 -15.97
C HIS A 284 -10.73 -13.96 -14.64
N ILE A 285 -10.62 -12.67 -14.34
CA ILE A 285 -11.05 -12.22 -13.01
C ILE A 285 -12.56 -12.01 -12.94
N ASN A 286 -13.19 -12.61 -11.94
CA ASN A 286 -14.58 -12.30 -11.60
C ASN A 286 -14.57 -11.27 -10.47
N TRP A 287 -14.91 -10.02 -10.80
CA TRP A 287 -14.70 -8.92 -9.86
C TRP A 287 -15.68 -8.97 -8.70
N GLU A 288 -16.90 -9.43 -8.97
CA GLU A 288 -17.91 -9.59 -7.92
C GLU A 288 -17.46 -10.59 -6.86
N GLU A 289 -16.99 -11.75 -7.30
CA GLU A 289 -16.49 -12.77 -6.38
C GLU A 289 -15.11 -12.43 -5.76
N LEU A 290 -14.30 -11.65 -6.47
CA LEU A 290 -13.04 -11.15 -5.92
C LEU A 290 -13.29 -10.19 -4.75
N LEU A 291 -14.20 -9.23 -4.96
CA LEU A 291 -14.47 -8.21 -3.96
C LEU A 291 -15.12 -8.83 -2.74
N ALA A 292 -15.87 -9.89 -2.98
CA ALA A 292 -16.56 -10.60 -1.93
C ALA A 292 -15.66 -11.65 -1.27
N ARG A 293 -14.38 -11.65 -1.65
CA ARG A 293 -13.36 -12.57 -1.10
C ARG A 293 -13.78 -14.03 -1.20
N LYS A 294 -14.36 -14.37 -2.35
CA LYS A 294 -14.73 -15.74 -2.63
C LYS A 294 -13.61 -16.48 -3.35
N VAL A 295 -12.71 -15.73 -3.96
CA VAL A 295 -11.59 -16.34 -4.68
C VAL A 295 -10.51 -16.83 -3.71
N GLU A 296 -10.03 -18.06 -3.91
CA GLU A 296 -8.92 -18.58 -3.14
C GLU A 296 -7.63 -17.88 -3.51
N PRO A 297 -6.96 -17.29 -2.51
CA PRO A 297 -5.62 -16.71 -2.65
C PRO A 297 -4.56 -17.76 -2.97
N PRO A 298 -3.55 -17.38 -3.77
CA PRO A 298 -2.38 -18.22 -4.11
C PRO A 298 -1.52 -18.56 -2.88
N PHE A 299 -1.57 -17.72 -1.85
CA PHE A 299 -0.74 -17.96 -0.68
C PHE A 299 -1.59 -17.93 0.58
N LYS A 300 -1.45 -18.94 1.43
CA LYS A 300 -2.30 -19.06 2.62
C LYS A 300 -1.51 -19.20 3.91
N PRO A 301 -1.27 -18.07 4.59
CA PRO A 301 -0.48 -17.89 5.81
C PRO A 301 -0.69 -18.98 6.87
N LEU A 302 -1.95 -19.33 7.15
CA LEU A 302 -2.21 -20.34 8.18
C LEU A 302 -2.31 -21.74 7.59
ZN ZN B . 10.91 9.67 7.01
N01 FS7 C . -0.08 -6.01 11.48
C02 FS7 C . 1.20 -6.57 11.68
C03 FS7 C . 1.34 -7.98 11.84
C04 FS7 C . 2.62 -8.52 12.03
C05 FS7 C . 3.74 -7.68 12.07
C06 FS7 C . 3.61 -6.29 11.91
C07 FS7 C . 2.30 -5.74 11.72
C08 FS7 C . 2.13 -4.36 11.57
C09 FS7 C . 3.33 -3.46 11.63
O10 FS7 C . 3.65 -2.98 12.71
O11 FS7 C . 3.79 -2.89 10.45
C12 FS7 C . 5.00 -2.21 10.57
C13 FS7 C . 5.85 -2.25 9.33
C14 FS7 C . 4.77 -0.82 11.14
O15 FS7 C . 3.63 -0.42 11.23
N16 FS7 C . 5.92 -0.03 11.55
C17 FS7 C . 5.78 1.32 12.08
C18 FS7 C . 4.55 1.85 12.47
C19 FS7 C . 4.45 3.16 12.94
C20 FS7 C . 5.60 3.92 13.01
S21 FS7 C . 5.52 5.57 13.59
O22 FS7 C . 6.79 5.98 14.09
O23 FS7 C . 4.64 5.66 14.72
N24 FS7 C . 5.04 6.54 12.37
C25 FS7 C . 6.82 3.40 12.62
C26 FS7 C . 6.92 2.09 12.14
C27 FS7 C . 0.83 -3.80 11.38
C28 FS7 C . 0.71 -2.33 11.21
C29 FS7 C . -0.66 -1.77 11.32
C30 FS7 C . -0.71 -0.43 10.66
C31 FS7 C . -1.77 -2.62 10.80
C32 FS7 C . -1.69 -4.11 11.12
C33 FS7 C . -0.25 -4.63 11.33
C1 GOL D . -14.23 -4.00 -15.84
O1 GOL D . -13.63 -2.79 -16.27
C2 GOL D . -14.53 -3.93 -14.34
O2 GOL D . -14.43 -2.62 -13.84
C3 GOL D . -15.93 -4.49 -14.08
O3 GOL D . -16.18 -4.45 -12.70
#